data_6NW4
#
_entry.id   6NW4
#
_cell.length_a   61.304
_cell.length_b   61.304
_cell.length_c   121.278
_cell.angle_alpha   90.000
_cell.angle_beta   90.000
_cell.angle_gamma   120.000
#
_symmetry.space_group_name_H-M   'P 31 2 1'
#
loop_
_entity.id
_entity.type
_entity.pdbx_description
1 polymer 'Indole-3-glycerol phosphate synthase'
2 non-polymer 'SULFATE ION'
3 non-polymer 6-NITROBENZOTRIAZOLE
4 water water
#
_entity_poly.entity_id   1
_entity_poly.type   'polypeptide(L)'
_entity_poly.pdbx_seq_one_letter_code
;PRYLKGWLKDVVQLSLRRPSFRASRQRPIISLNERILEFNKRNITAIIAAYRRKSPCGLDVERDPIEYSKFMERYAVGLA
IATEEKYFNGSYETLRKIASSVSIPILMWDFIVKESQIDDAYNLGADTVALIVKILTERELESLLEYARSYGMEPYIVIN
DENDLDIALRIGARFIEICSRDFETLEINKENQRKLISMIPSNVVKVAWGGISERNEIEELRKLGVNAFGIGSSLMRNPE
KIKEFIL
;
_entity_poly.pdbx_strand_id   A
#
loop_
_chem_comp.id
_chem_comp.type
_chem_comp.name
_chem_comp.formula
6NT non-polymer 6-NITROBENZOTRIAZOLE 'C6 H4 N4 O2'
SO4 non-polymer 'SULFATE ION' 'O4 S -2'
#
# COMPACT_ATOMS: atom_id res chain seq x y z
N PRO A 1 8.03 8.18 -16.57
CA PRO A 1 6.76 8.44 -15.90
C PRO A 1 5.99 9.56 -16.58
N ARG A 2 4.93 10.11 -15.95
CA ARG A 2 4.17 11.24 -16.54
C ARG A 2 4.94 12.51 -16.23
N TYR A 3 4.51 13.63 -16.83
CA TYR A 3 5.06 14.94 -16.52
C TYR A 3 4.52 15.29 -15.15
N LEU A 4 5.44 15.56 -14.21
CA LEU A 4 5.07 15.81 -12.83
C LEU A 4 5.50 17.17 -12.30
N LYS A 5 4.99 17.50 -11.11
CA LYS A 5 5.21 18.77 -10.42
C LYS A 5 5.50 18.51 -8.94
N GLY A 6 5.91 19.56 -8.24
CA GLY A 6 6.15 19.61 -6.81
C GLY A 6 7.11 18.57 -6.27
N TRP A 7 6.69 17.93 -5.19
CA TRP A 7 7.47 16.89 -4.52
C TRP A 7 7.36 15.56 -5.26
N LEU A 8 6.26 15.34 -6.01
CA LEU A 8 6.06 14.11 -6.78
C LEU A 8 7.09 13.96 -7.86
N LYS A 9 7.45 15.09 -8.52
CA LYS A 9 8.48 15.13 -9.56
C LYS A 9 9.81 14.71 -8.94
N ASP A 10 10.12 15.21 -7.73
CA ASP A 10 11.38 14.92 -7.05
C ASP A 10 11.52 13.47 -6.61
N VAL A 11 10.54 12.97 -5.82
CA VAL A 11 10.51 11.58 -5.38
C VAL A 11 10.68 10.61 -6.60
N VAL A 12 10.13 11.01 -7.78
CA VAL A 12 10.25 10.22 -9.00
C VAL A 12 11.65 10.35 -9.62
N GLN A 13 12.21 11.57 -9.64
CA GLN A 13 13.55 11.84 -10.17
C GLN A 13 14.58 11.03 -9.35
N LEU A 14 14.37 10.96 -8.02
CA LEU A 14 15.24 10.22 -7.09
C LEU A 14 15.06 8.69 -7.20
N SER A 15 13.81 8.19 -7.23
CA SER A 15 13.52 6.75 -7.34
C SER A 15 14.24 6.06 -8.51
N LEU A 16 14.43 6.79 -9.62
CA LEU A 16 15.11 6.30 -10.80
C LEU A 16 16.61 6.13 -10.53
N ARG A 17 17.26 7.16 -9.98
CA ARG A 17 18.67 7.09 -9.61
C ARG A 17 18.95 6.06 -8.43
N ARG A 18 17.88 5.57 -7.73
CA ARG A 18 17.98 4.64 -6.60
C ARG A 18 18.54 3.30 -7.06
N PRO A 19 19.62 2.82 -6.38
CA PRO A 19 20.25 1.57 -6.83
C PRO A 19 19.58 0.35 -6.25
N SER A 20 19.65 -0.76 -6.97
CA SER A 20 19.01 -2.03 -6.61
C SER A 20 19.60 -2.72 -5.38
N PHE A 21 18.83 -3.67 -4.85
CA PHE A 21 19.15 -4.56 -3.74
C PHE A 21 19.29 -5.93 -4.46
N ARG A 22 20.52 -6.45 -4.52
CA ARG A 22 20.81 -7.69 -5.23
C ARG A 22 21.21 -8.85 -4.29
N ALA A 23 20.20 -9.50 -3.71
CA ALA A 23 20.34 -10.62 -2.78
C ALA A 23 19.08 -11.47 -2.93
N SER A 24 19.25 -12.82 -2.97
CA SER A 24 18.18 -13.80 -3.15
C SER A 24 17.04 -13.66 -2.10
N ARG A 25 15.82 -14.00 -2.51
CA ARG A 25 14.64 -13.98 -1.63
C ARG A 25 14.71 -15.16 -0.62
N GLN A 26 14.28 -14.91 0.65
CA GLN A 26 14.34 -15.93 1.72
C GLN A 26 12.99 -16.20 2.45
N ARG A 27 11.85 -16.02 1.73
CA ARG A 27 10.48 -16.31 2.22
C ARG A 27 9.47 -16.55 1.11
N PRO A 28 8.36 -17.29 1.33
CA PRO A 28 7.40 -17.49 0.22
C PRO A 28 6.56 -16.25 -0.13
N ILE A 29 5.86 -16.29 -1.28
CA ILE A 29 5.00 -15.17 -1.63
C ILE A 29 3.67 -15.47 -0.96
N ILE A 30 3.28 -14.60 -0.02
CA ILE A 30 2.07 -14.76 0.77
C ILE A 30 1.08 -13.72 0.23
N SER A 31 0.02 -14.15 -0.48
CA SER A 31 -0.94 -13.24 -1.10
C SER A 31 -1.81 -12.46 -0.12
N LEU A 32 -1.72 -11.12 -0.18
CA LEU A 32 -2.45 -10.18 0.67
C LEU A 32 -3.91 -10.11 0.26
N ASN A 33 -4.20 -9.80 -1.01
CA ASN A 33 -5.55 -9.73 -1.55
C ASN A 33 -6.32 -11.03 -1.25
N GLU A 34 -5.67 -12.19 -1.48
CA GLU A 34 -6.20 -13.51 -1.18
C GLU A 34 -6.52 -13.71 0.30
N ARG A 35 -5.60 -13.32 1.21
CA ARG A 35 -5.82 -13.46 2.66
C ARG A 35 -6.93 -12.51 3.12
N ILE A 36 -7.03 -11.30 2.48
CA ILE A 36 -8.07 -10.32 2.78
C ILE A 36 -9.41 -10.98 2.47
N LEU A 37 -9.53 -11.54 1.25
CA LEU A 37 -10.74 -12.21 0.78
C LEU A 37 -11.19 -13.31 1.76
N GLU A 38 -10.22 -14.05 2.30
CA GLU A 38 -10.41 -15.08 3.31
C GLU A 38 -10.96 -14.46 4.59
N PHE A 39 -10.39 -13.31 5.04
CA PHE A 39 -10.79 -12.58 6.27
C PHE A 39 -12.26 -12.21 6.26
N ASN A 40 -12.73 -11.74 5.08
CA ASN A 40 -14.12 -11.35 4.82
C ASN A 40 -15.08 -12.55 5.03
N LYS A 41 -14.70 -13.73 4.50
CA LYS A 41 -15.42 -15.00 4.59
C LYS A 41 -15.37 -15.51 6.02
N ARG A 42 -14.35 -15.10 6.78
CA ARG A 42 -14.13 -15.46 8.19
C ARG A 42 -14.74 -14.34 9.08
N ASN A 43 -15.35 -13.31 8.44
CA ASN A 43 -16.04 -12.16 9.07
C ASN A 43 -15.11 -11.29 9.91
N ILE A 44 -13.77 -11.53 9.82
CA ILE A 44 -12.75 -10.74 10.51
C ILE A 44 -12.55 -9.41 9.75
N THR A 45 -12.39 -8.29 10.50
CA THR A 45 -12.07 -6.99 9.90
C THR A 45 -10.62 -7.05 9.42
N ALA A 46 -10.42 -6.77 8.14
CA ALA A 46 -9.07 -6.80 7.56
C ALA A 46 -8.48 -5.39 7.58
N ILE A 47 -7.30 -5.27 8.21
CA ILE A 47 -6.61 -3.99 8.34
C ILE A 47 -5.15 -4.11 7.94
N ILE A 48 -4.74 -3.29 7.00
CA ILE A 48 -3.34 -3.24 6.63
C ILE A 48 -2.73 -2.14 7.50
N ALA A 49 -1.85 -2.56 8.43
CA ALA A 49 -1.12 -1.65 9.31
C ALA A 49 0.13 -1.19 8.56
N ALA A 50 0.42 0.11 8.65
CA ALA A 50 1.55 0.69 7.95
C ALA A 50 2.74 1.02 8.82
N TYR A 51 3.92 0.55 8.43
CA TYR A 51 5.13 0.94 9.13
C TYR A 51 5.80 1.97 8.26
N ARG A 52 5.59 3.20 8.67
CA ARG A 52 6.04 4.41 8.00
C ARG A 52 6.61 5.27 9.12
N ARG A 53 7.86 5.72 8.96
CA ARG A 53 8.54 6.54 9.96
C ARG A 53 8.03 7.99 9.89
N LYS A 54 8.03 8.57 8.68
CA LYS A 54 7.63 9.94 8.42
C LYS A 54 6.56 10.02 7.34
N SER A 55 5.59 10.92 7.56
CA SER A 55 4.49 11.24 6.64
C SER A 55 5.05 12.04 5.46
N PRO A 56 4.51 11.95 4.21
CA PRO A 56 5.04 12.81 3.12
C PRO A 56 4.79 14.26 3.49
N CYS A 57 3.74 14.46 4.31
CA CYS A 57 3.22 15.66 4.94
C CYS A 57 4.38 16.30 5.74
N GLY A 58 5.09 15.46 6.49
CA GLY A 58 6.27 15.80 7.29
C GLY A 58 6.13 15.86 8.80
N LEU A 59 6.05 14.66 9.49
CA LEU A 59 5.97 14.54 10.98
C LEU A 59 6.33 13.13 11.51
N ASP A 60 7.64 12.91 11.73
CA ASP A 60 8.33 11.69 12.18
C ASP A 60 7.87 11.02 13.48
N VAL A 61 7.97 9.67 13.49
CA VAL A 61 7.70 8.72 14.58
C VAL A 61 8.80 7.66 14.51
N GLU A 62 9.73 7.69 15.48
CA GLU A 62 10.82 6.73 15.55
C GLU A 62 10.43 5.68 16.61
N ARG A 63 10.29 4.42 16.18
CA ARG A 63 9.88 3.29 17.03
C ARG A 63 10.48 2.01 16.44
N ASP A 64 10.76 0.98 17.29
CA ASP A 64 11.31 -0.29 16.80
C ASP A 64 10.33 -0.95 15.84
N PRO A 65 10.76 -1.13 14.58
CA PRO A 65 9.88 -1.75 13.57
C PRO A 65 9.62 -3.20 13.90
N ILE A 66 10.60 -3.89 14.48
CA ILE A 66 10.46 -5.30 14.83
C ILE A 66 9.45 -5.52 15.99
N GLU A 67 9.30 -4.55 16.92
CA GLU A 67 8.32 -4.70 18.00
C GLU A 67 6.92 -4.44 17.44
N TYR A 68 6.82 -3.44 16.53
CA TYR A 68 5.60 -3.03 15.82
C TYR A 68 5.09 -4.15 14.92
N SER A 69 5.94 -4.62 13.99
CA SER A 69 5.64 -5.68 13.03
C SER A 69 5.19 -6.96 13.71
N LYS A 70 5.98 -7.43 14.71
CA LYS A 70 5.70 -8.62 15.51
C LYS A 70 4.33 -8.53 16.19
N PHE A 71 4.00 -7.34 16.74
CA PHE A 71 2.71 -7.08 17.39
C PHE A 71 1.60 -7.16 16.35
N MET A 72 1.82 -6.50 15.19
CA MET A 72 0.88 -6.43 14.09
C MET A 72 0.57 -7.79 13.48
N GLU A 73 1.58 -8.66 13.38
CA GLU A 73 1.50 -10.03 12.87
C GLU A 73 0.30 -10.77 13.50
N ARG A 74 0.05 -10.52 14.79
CA ARG A 74 -1.05 -11.13 15.55
C ARG A 74 -2.45 -10.62 15.18
N TYR A 75 -2.53 -9.41 14.60
CA TYR A 75 -3.80 -8.73 14.32
C TYR A 75 -4.04 -8.34 12.84
N ALA A 76 -3.12 -7.60 12.20
CA ALA A 76 -3.18 -7.11 10.81
C ALA A 76 -3.41 -8.21 9.77
N VAL A 77 -4.04 -7.85 8.64
CA VAL A 77 -4.28 -8.74 7.50
C VAL A 77 -2.99 -8.78 6.63
N GLY A 78 -2.25 -7.65 6.67
CA GLY A 78 -1.00 -7.40 5.97
C GLY A 78 -0.26 -6.19 6.51
N LEU A 79 1.03 -6.04 6.14
CA LEU A 79 1.88 -4.91 6.58
C LEU A 79 2.35 -4.02 5.43
N ALA A 80 2.00 -2.72 5.48
CA ALA A 80 2.46 -1.79 4.44
C ALA A 80 3.76 -1.13 4.91
N ILE A 81 4.88 -1.43 4.26
CA ILE A 81 6.17 -0.88 4.67
C ILE A 81 6.60 0.21 3.71
N ALA A 82 6.66 1.46 4.22
CA ALA A 82 7.10 2.65 3.48
C ALA A 82 8.64 2.56 3.30
N THR A 83 9.09 2.40 2.04
CA THR A 83 10.51 2.21 1.78
C THR A 83 11.15 3.41 1.04
N GLU A 84 10.47 4.61 1.05
CA GLU A 84 11.02 5.84 0.47
C GLU A 84 11.75 6.62 1.54
N GLU A 85 12.97 7.05 1.25
CA GLU A 85 13.85 7.72 2.20
C GLU A 85 13.58 9.26 2.39
N LYS A 86 13.58 10.08 1.31
CA LYS A 86 13.46 11.54 1.39
C LYS A 86 12.28 12.06 2.23
N TYR A 87 11.05 11.69 1.83
CA TYR A 87 9.79 12.15 2.42
C TYR A 87 9.13 11.14 3.38
N PHE A 88 9.46 9.84 3.27
CA PHE A 88 8.85 8.84 4.12
C PHE A 88 9.80 8.24 5.21
N ASN A 89 11.10 8.65 5.21
CA ASN A 89 12.15 8.23 6.19
C ASN A 89 12.24 6.71 6.41
N GLY A 90 11.89 5.95 5.39
CA GLY A 90 11.95 4.51 5.37
C GLY A 90 13.14 4.04 4.59
N SER A 91 13.35 2.73 4.52
CA SER A 91 14.46 2.12 3.81
C SER A 91 14.16 0.68 3.39
N TYR A 92 15.04 0.12 2.56
CA TYR A 92 14.97 -1.26 2.10
C TYR A 92 15.37 -2.20 3.27
N GLU A 93 16.34 -1.79 4.10
CA GLU A 93 16.79 -2.60 5.22
C GLU A 93 15.69 -2.78 6.23
N THR A 94 14.84 -1.74 6.44
CA THR A 94 13.67 -1.85 7.32
C THR A 94 12.71 -2.91 6.79
N LEU A 95 12.52 -2.96 5.46
CA LEU A 95 11.69 -3.97 4.83
C LEU A 95 12.30 -5.38 5.06
N ARG A 96 13.51 -5.64 4.50
CA ARG A 96 14.30 -6.87 4.62
C ARG A 96 14.25 -7.45 6.06
N LYS A 97 14.51 -6.59 7.08
CA LYS A 97 14.48 -6.98 8.48
C LYS A 97 13.07 -7.38 8.96
N ILE A 98 12.04 -6.54 8.70
CA ILE A 98 10.65 -6.83 9.08
C ILE A 98 10.21 -8.16 8.44
N ALA A 99 10.47 -8.31 7.11
CA ALA A 99 10.13 -9.49 6.32
C ALA A 99 10.83 -10.78 6.82
N SER A 100 11.95 -10.62 7.51
CA SER A 100 12.66 -11.75 8.08
C SER A 100 12.04 -12.15 9.41
N SER A 101 11.30 -11.24 10.06
CA SER A 101 10.70 -11.51 11.37
C SER A 101 9.20 -11.84 11.32
N VAL A 102 8.46 -11.32 10.32
CA VAL A 102 7.02 -11.62 10.26
C VAL A 102 6.68 -12.63 9.16
N SER A 103 5.52 -13.30 9.31
CA SER A 103 5.00 -14.35 8.43
C SER A 103 3.72 -13.96 7.68
N ILE A 104 3.16 -12.77 7.96
CA ILE A 104 1.93 -12.26 7.31
C ILE A 104 2.33 -11.57 6.00
N PRO A 105 1.39 -11.19 5.08
CA PRO A 105 1.82 -10.56 3.83
C PRO A 105 2.33 -9.14 3.99
N ILE A 106 3.37 -8.79 3.20
CA ILE A 106 3.99 -7.46 3.22
C ILE A 106 3.84 -6.73 1.89
N LEU A 107 3.39 -5.47 1.96
CA LEU A 107 3.19 -4.56 0.84
C LEU A 107 4.27 -3.47 0.84
N MET A 108 5.04 -3.37 -0.26
CA MET A 108 6.04 -2.31 -0.41
C MET A 108 5.38 -1.01 -0.87
N TRP A 109 5.43 0.00 0.04
CA TRP A 109 4.91 1.33 -0.21
C TRP A 109 6.05 2.24 -0.71
N ASP A 110 6.06 2.43 -2.03
CA ASP A 110 7.07 3.22 -2.73
C ASP A 110 6.56 3.73 -4.06
N PHE A 111 7.39 4.54 -4.70
CA PHE A 111 7.10 5.18 -5.97
C PHE A 111 7.90 4.42 -7.01
N ILE A 112 7.27 3.34 -7.50
CA ILE A 112 7.81 2.43 -8.51
C ILE A 112 7.68 3.12 -9.83
N VAL A 113 8.81 3.26 -10.48
CA VAL A 113 8.98 3.96 -11.74
C VAL A 113 9.76 3.10 -12.74
N LYS A 114 10.47 2.06 -12.26
CA LYS A 114 11.25 1.15 -13.06
C LYS A 114 11.05 -0.31 -12.66
N GLU A 115 11.36 -1.25 -13.57
CA GLU A 115 11.26 -2.70 -13.41
C GLU A 115 12.15 -3.21 -12.23
N SER A 116 13.35 -2.61 -12.04
CA SER A 116 14.31 -3.03 -10.99
C SER A 116 13.76 -2.93 -9.60
N GLN A 117 12.93 -1.89 -9.34
CA GLN A 117 12.28 -1.69 -8.04
C GLN A 117 11.33 -2.86 -7.75
N ILE A 118 10.74 -3.44 -8.83
CA ILE A 118 9.90 -4.61 -8.71
C ILE A 118 10.77 -5.82 -8.44
N ASP A 119 12.05 -5.82 -8.89
CA ASP A 119 12.93 -6.93 -8.53
C ASP A 119 13.25 -6.77 -7.05
N ASP A 120 13.68 -5.53 -6.64
CA ASP A 120 13.99 -5.13 -5.26
C ASP A 120 12.92 -5.64 -4.31
N ALA A 121 11.65 -5.27 -4.56
CA ALA A 121 10.47 -5.71 -3.80
C ALA A 121 10.46 -7.27 -3.60
N TYR A 122 10.68 -8.04 -4.68
CA TYR A 122 10.67 -9.48 -4.57
C TYR A 122 11.78 -9.92 -3.65
N ASN A 123 13.05 -9.68 -4.08
CA ASN A 123 14.31 -10.01 -3.40
C ASN A 123 14.31 -9.71 -1.91
N LEU A 124 13.85 -8.53 -1.51
CA LEU A 124 13.72 -8.07 -0.11
C LEU A 124 12.69 -8.86 0.72
N GLY A 125 11.77 -9.55 0.05
CA GLY A 125 10.75 -10.34 0.72
C GLY A 125 9.34 -9.81 0.70
N ALA A 126 9.10 -8.68 -0.04
CA ALA A 126 7.76 -8.07 -0.16
C ALA A 126 6.84 -8.98 -0.97
N ASP A 127 5.65 -9.25 -0.44
CA ASP A 127 4.62 -10.09 -1.06
C ASP A 127 3.87 -9.40 -2.23
N THR A 128 3.84 -8.04 -2.21
CA THR A 128 3.21 -7.21 -3.24
C THR A 128 3.84 -5.82 -3.26
N VAL A 129 3.63 -5.12 -4.38
CA VAL A 129 4.17 -3.80 -4.58
C VAL A 129 3.07 -2.82 -5.08
N ALA A 130 3.12 -1.59 -4.54
CA ALA A 130 2.16 -0.53 -4.88
C ALA A 130 2.52 0.25 -6.16
N LEU A 131 1.57 0.29 -7.10
CA LEU A 131 1.71 1.02 -8.35
C LEU A 131 0.71 2.20 -8.38
N ILE A 132 1.26 3.44 -8.49
CA ILE A 132 0.49 4.69 -8.44
C ILE A 132 0.19 5.17 -9.86
N VAL A 133 -1.12 5.15 -10.22
CA VAL A 133 -1.65 5.55 -11.54
C VAL A 133 -1.21 6.98 -11.85
N LYS A 134 -1.43 7.90 -10.90
CA LYS A 134 -1.09 9.33 -10.90
C LYS A 134 0.39 9.62 -11.21
N ILE A 135 1.25 8.59 -11.15
CA ILE A 135 2.67 8.77 -11.30
C ILE A 135 3.28 8.03 -12.52
N LEU A 136 2.50 7.17 -13.21
CA LEU A 136 2.97 6.43 -14.38
C LEU A 136 2.09 6.61 -15.63
N THR A 137 2.68 6.33 -16.83
CA THR A 137 1.93 6.37 -18.10
C THR A 137 1.15 5.04 -18.16
N GLU A 138 0.10 4.96 -19.01
CA GLU A 138 -0.74 3.74 -19.10
C GLU A 138 0.07 2.51 -19.48
N ARG A 139 1.00 2.66 -20.43
CA ARG A 139 1.80 1.52 -20.85
C ARG A 139 2.86 1.19 -19.88
N GLU A 140 3.37 2.17 -19.14
CA GLU A 140 4.33 1.93 -18.07
C GLU A 140 3.61 1.09 -17.00
N LEU A 141 2.35 1.48 -16.70
CA LEU A 141 1.48 0.84 -15.72
C LEU A 141 1.15 -0.60 -16.09
N GLU A 142 0.87 -0.87 -17.37
CA GLU A 142 0.57 -2.20 -17.93
C GLU A 142 1.78 -3.13 -17.84
N SER A 143 2.99 -2.57 -18.02
CA SER A 143 4.25 -3.28 -18.01
C SER A 143 4.64 -3.69 -16.62
N LEU A 144 4.60 -2.72 -15.67
CA LEU A 144 4.98 -2.98 -14.27
C LEU A 144 4.08 -4.01 -13.63
N LEU A 145 2.77 -3.96 -13.92
CA LEU A 145 1.71 -4.87 -13.49
C LEU A 145 2.01 -6.28 -14.00
N GLU A 146 2.39 -6.37 -15.28
CA GLU A 146 2.76 -7.62 -15.96
C GLU A 146 4.03 -8.20 -15.33
N TYR A 147 5.04 -7.35 -15.11
CA TYR A 147 6.33 -7.73 -14.52
C TYR A 147 6.18 -8.23 -13.10
N ALA A 148 5.40 -7.52 -12.27
CA ALA A 148 5.13 -7.93 -10.91
C ALA A 148 4.36 -9.28 -10.89
N ARG A 149 3.49 -9.52 -11.90
CA ARG A 149 2.75 -10.78 -12.02
C ARG A 149 3.66 -11.94 -12.49
N SER A 150 4.78 -11.64 -13.19
CA SER A 150 5.77 -12.64 -13.61
C SER A 150 6.63 -13.10 -12.41
N TYR A 151 6.42 -12.46 -11.23
CA TYR A 151 7.09 -12.73 -9.96
C TYR A 151 6.13 -13.38 -9.00
N GLY A 152 4.90 -13.58 -9.45
CA GLY A 152 3.86 -14.18 -8.63
C GLY A 152 3.04 -13.17 -7.87
N MET A 153 3.63 -11.98 -7.56
CA MET A 153 2.96 -10.90 -6.83
C MET A 153 1.80 -10.33 -7.65
N GLU A 154 0.71 -9.91 -6.97
CA GLU A 154 -0.43 -9.26 -7.61
C GLU A 154 -0.39 -7.79 -7.21
N PRO A 155 0.08 -6.92 -8.15
CA PRO A 155 0.18 -5.48 -7.85
C PRO A 155 -1.03 -4.81 -7.19
N TYR A 156 -0.73 -3.91 -6.24
CA TYR A 156 -1.66 -3.13 -5.43
C TYR A 156 -1.85 -1.70 -6.05
N ILE A 157 -2.80 -1.58 -7.00
CA ILE A 157 -3.07 -0.35 -7.77
C ILE A 157 -3.75 0.77 -6.94
N VAL A 158 -3.02 1.89 -6.76
CA VAL A 158 -3.51 3.07 -6.04
C VAL A 158 -4.17 4.08 -6.99
N ILE A 159 -5.45 4.42 -6.69
CA ILE A 159 -6.26 5.40 -7.42
C ILE A 159 -6.60 6.55 -6.49
N ASN A 160 -6.78 7.74 -7.07
CA ASN A 160 -7.06 8.94 -6.30
C ASN A 160 -8.34 9.63 -6.75
N ASP A 161 -8.52 9.80 -8.09
CA ASP A 161 -9.67 10.45 -8.72
C ASP A 161 -10.33 9.53 -9.75
N GLU A 162 -11.47 9.97 -10.37
CA GLU A 162 -12.19 9.22 -11.41
C GLU A 162 -11.37 8.94 -12.69
N ASN A 163 -10.25 9.69 -12.87
CA ASN A 163 -9.33 9.53 -13.97
C ASN A 163 -8.45 8.32 -13.68
N ASP A 164 -7.87 8.26 -12.46
CA ASP A 164 -7.02 7.14 -12.00
C ASP A 164 -7.77 5.81 -12.10
N LEU A 165 -9.05 5.79 -11.67
CA LEU A 165 -9.93 4.63 -11.73
C LEU A 165 -10.21 4.22 -13.20
N ASP A 166 -10.27 5.21 -14.12
CA ASP A 166 -10.49 4.92 -15.54
C ASP A 166 -9.30 4.13 -16.07
N ILE A 167 -8.09 4.60 -15.75
CA ILE A 167 -6.88 3.93 -16.19
C ILE A 167 -6.71 2.59 -15.47
N ALA A 168 -7.04 2.55 -14.17
CA ALA A 168 -6.97 1.34 -13.32
C ALA A 168 -7.75 0.22 -13.95
N LEU A 169 -8.95 0.53 -14.40
CA LEU A 169 -9.83 -0.45 -15.02
C LEU A 169 -9.33 -0.83 -16.41
N ARG A 170 -8.71 0.13 -17.11
CA ARG A 170 -8.16 -0.05 -18.45
C ARG A 170 -6.93 -0.96 -18.45
N ILE A 171 -6.16 -0.96 -17.34
CA ILE A 171 -4.94 -1.77 -17.26
C ILE A 171 -5.24 -3.19 -16.77
N GLY A 172 -6.41 -3.41 -16.21
CA GLY A 172 -6.82 -4.72 -15.71
C GLY A 172 -6.43 -4.98 -14.27
N ALA A 173 -6.60 -3.97 -13.40
CA ALA A 173 -6.33 -4.09 -11.98
C ALA A 173 -7.38 -5.00 -11.30
N ARG A 174 -6.97 -5.69 -10.22
CA ARG A 174 -7.79 -6.62 -9.45
C ARG A 174 -7.60 -6.42 -7.93
N PHE A 175 -6.71 -5.47 -7.57
CA PHE A 175 -6.38 -5.07 -6.20
C PHE A 175 -6.27 -3.55 -6.26
N ILE A 176 -7.25 -2.85 -5.69
CA ILE A 176 -7.34 -1.40 -5.77
C ILE A 176 -7.35 -0.74 -4.40
N GLU A 177 -6.51 0.31 -4.27
CA GLU A 177 -6.47 1.20 -3.12
C GLU A 177 -7.16 2.47 -3.59
N ILE A 178 -8.15 2.94 -2.82
CA ILE A 178 -8.88 4.15 -3.16
C ILE A 178 -8.38 5.24 -2.20
N CYS A 179 -7.26 5.91 -2.56
CA CYS A 179 -6.65 6.92 -1.69
C CYS A 179 -7.47 8.20 -1.61
N SER A 180 -7.95 8.54 -0.38
CA SER A 180 -8.77 9.72 -0.08
C SER A 180 -7.94 11.00 -0.08
N ARG A 181 -6.61 10.85 -0.03
CA ARG A 181 -5.65 11.95 -0.02
C ARG A 181 -5.09 12.18 -1.41
N ASP A 182 -5.16 13.44 -1.91
CA ASP A 182 -4.58 13.78 -3.22
C ASP A 182 -3.10 13.95 -3.05
N PHE A 183 -2.34 13.18 -3.80
CA PHE A 183 -0.88 13.13 -3.78
C PHE A 183 -0.18 14.49 -3.86
N GLU A 184 -0.72 15.46 -4.62
CA GLU A 184 -0.09 16.75 -4.78
C GLU A 184 -0.53 17.81 -3.76
N THR A 185 -1.85 17.95 -3.52
CA THR A 185 -2.44 18.92 -2.56
C THR A 185 -2.40 18.43 -1.10
N LEU A 186 -2.32 17.09 -0.90
CA LEU A 186 -2.27 16.32 0.36
C LEU A 186 -3.57 16.44 1.22
N GLU A 187 -4.71 16.66 0.53
CA GLU A 187 -6.03 16.85 1.13
C GLU A 187 -6.94 15.63 1.09
N ILE A 188 -7.77 15.44 2.13
CA ILE A 188 -8.68 14.29 2.23
C ILE A 188 -10.10 14.66 1.77
N ASN A 189 -10.68 13.85 0.87
CA ASN A 189 -12.06 13.99 0.40
C ASN A 189 -12.74 12.62 0.46
N LYS A 190 -13.54 12.40 1.52
CA LYS A 190 -14.28 11.15 1.70
C LYS A 190 -15.49 11.03 0.76
N GLU A 191 -16.03 12.14 0.29
CA GLU A 191 -17.14 12.09 -0.64
C GLU A 191 -16.66 11.41 -1.93
N ASN A 192 -15.52 11.91 -2.48
CA ASN A 192 -14.87 11.44 -3.69
C ASN A 192 -14.46 9.96 -3.63
N GLN A 193 -13.87 9.54 -2.50
CA GLN A 193 -13.47 8.16 -2.22
C GLN A 193 -14.70 7.21 -2.32
N ARG A 194 -15.79 7.60 -1.60
CA ARG A 194 -17.04 6.85 -1.56
C ARG A 194 -17.64 6.67 -2.94
N LYS A 195 -17.65 7.75 -3.76
CA LYS A 195 -18.12 7.73 -5.16
C LYS A 195 -17.34 6.68 -5.98
N LEU A 196 -15.98 6.73 -5.83
CA LEU A 196 -15.04 5.86 -6.52
C LEU A 196 -15.24 4.43 -6.13
N ILE A 197 -15.49 4.19 -4.82
CA ILE A 197 -15.71 2.84 -4.28
C ILE A 197 -16.98 2.21 -4.86
N SER A 198 -18.00 3.06 -5.14
CA SER A 198 -19.27 2.66 -5.73
C SER A 198 -19.08 2.27 -7.18
N MET A 199 -18.14 2.91 -7.88
CA MET A 199 -17.84 2.64 -9.29
C MET A 199 -16.93 1.41 -9.55
N ILE A 200 -16.17 0.91 -8.55
CA ILE A 200 -15.29 -0.27 -8.72
C ILE A 200 -16.10 -1.57 -8.68
N PRO A 201 -15.95 -2.49 -9.67
CA PRO A 201 -16.78 -3.71 -9.67
C PRO A 201 -16.48 -4.72 -8.54
N SER A 202 -17.54 -5.46 -8.10
CA SER A 202 -17.53 -6.45 -7.01
C SER A 202 -16.30 -7.38 -6.96
N ASN A 203 -15.94 -7.99 -8.12
CA ASN A 203 -14.84 -8.94 -8.30
C ASN A 203 -13.44 -8.40 -7.90
N VAL A 204 -13.27 -7.05 -7.80
CA VAL A 204 -12.00 -6.40 -7.43
C VAL A 204 -11.82 -6.22 -5.90
N VAL A 205 -10.61 -6.51 -5.37
CA VAL A 205 -10.26 -6.34 -3.96
C VAL A 205 -10.07 -4.82 -3.68
N LYS A 206 -10.90 -4.24 -2.77
CA LYS A 206 -10.92 -2.79 -2.45
C LYS A 206 -10.38 -2.40 -1.08
N VAL A 207 -9.42 -1.45 -1.06
CA VAL A 207 -8.78 -0.92 0.15
C VAL A 207 -9.04 0.57 0.30
N ALA A 208 -9.73 0.95 1.37
CA ALA A 208 -10.00 2.36 1.61
C ALA A 208 -8.84 2.89 2.44
N TRP A 209 -8.04 3.77 1.85
CA TRP A 209 -6.91 4.38 2.53
C TRP A 209 -7.09 5.90 2.46
N GLY A 210 -7.05 6.52 3.63
CA GLY A 210 -7.23 7.96 3.81
C GLY A 210 -6.71 8.35 5.18
N GLY A 211 -7.52 9.02 5.97
CA GLY A 211 -7.13 9.40 7.33
C GLY A 211 -7.99 8.71 8.37
N ILE A 212 -8.03 7.35 8.32
CA ILE A 212 -8.88 6.51 9.20
C ILE A 212 -8.37 6.51 10.62
N SER A 213 -9.28 6.87 11.55
CA SER A 213 -9.00 6.92 13.00
C SER A 213 -10.03 6.19 13.87
N GLU A 214 -11.22 5.82 13.33
CA GLU A 214 -12.28 5.15 14.10
C GLU A 214 -12.94 3.97 13.36
N ARG A 215 -13.55 3.03 14.14
CA ARG A 215 -14.26 1.84 13.65
C ARG A 215 -15.49 2.17 12.79
N ASN A 216 -16.26 3.20 13.19
CA ASN A 216 -17.48 3.62 12.47
C ASN A 216 -17.22 3.96 11.01
N GLU A 217 -15.97 4.37 10.65
CA GLU A 217 -15.59 4.65 9.26
C GLU A 217 -15.46 3.33 8.54
N ILE A 218 -14.77 2.37 9.20
CA ILE A 218 -14.50 1.02 8.71
C ILE A 218 -15.84 0.31 8.51
N GLU A 219 -16.79 0.52 9.42
CA GLU A 219 -18.14 -0.03 9.33
C GLU A 219 -18.86 0.53 8.10
N GLU A 220 -18.74 1.87 7.92
CA GLU A 220 -19.34 2.60 6.81
C GLU A 220 -18.81 2.13 5.46
N LEU A 221 -17.47 2.13 5.30
CA LEU A 221 -16.80 1.69 4.09
C LEU A 221 -17.06 0.20 3.83
N ARG A 222 -17.15 -0.62 4.90
CA ARG A 222 -17.48 -2.04 4.74
C ARG A 222 -18.94 -2.16 4.21
N LYS A 223 -19.90 -1.42 4.78
CA LYS A 223 -21.28 -1.35 4.27
C LYS A 223 -21.34 -0.85 2.76
N LEU A 224 -20.22 -0.28 2.26
CA LEU A 224 -20.06 0.20 0.89
C LEU A 224 -19.24 -0.79 0.03
N GLY A 225 -18.86 -1.90 0.64
CA GLY A 225 -18.17 -3.01 -0.03
C GLY A 225 -16.67 -2.97 -0.09
N VAL A 226 -16.00 -2.27 0.84
CA VAL A 226 -14.54 -2.30 0.75
C VAL A 226 -14.04 -3.48 1.62
N ASN A 227 -13.03 -4.18 1.08
CA ASN A 227 -12.47 -5.40 1.60
C ASN A 227 -11.52 -5.19 2.77
N ALA A 228 -10.48 -4.34 2.58
CA ALA A 228 -9.51 -4.01 3.63
C ALA A 228 -9.44 -2.50 3.86
N PHE A 229 -8.90 -2.08 5.02
CA PHE A 229 -8.85 -0.67 5.42
C PHE A 229 -7.49 -0.33 5.96
N GLY A 230 -6.75 0.47 5.21
CA GLY A 230 -5.40 0.86 5.58
C GLY A 230 -5.28 1.99 6.58
N ILE A 231 -4.57 1.71 7.68
CA ILE A 231 -4.30 2.68 8.74
C ILE A 231 -2.76 2.85 8.89
N GLY A 232 -2.32 4.09 9.10
CA GLY A 232 -0.91 4.42 9.21
C GLY A 232 -0.55 5.22 10.43
N SER A 233 -0.66 6.56 10.36
CA SER A 233 -0.30 7.46 11.47
C SER A 233 -1.07 7.20 12.74
N SER A 234 -2.34 6.73 12.62
CA SER A 234 -3.15 6.39 13.78
C SER A 234 -2.48 5.22 14.55
N LEU A 235 -2.01 4.20 13.80
CA LEU A 235 -1.32 3.03 14.38
C LEU A 235 0.15 3.28 14.65
N MET A 236 0.76 4.26 13.97
CA MET A 236 2.14 4.58 14.19
C MET A 236 2.34 5.31 15.53
N ARG A 237 1.34 6.10 15.97
CA ARG A 237 1.42 6.76 17.28
C ARG A 237 1.00 5.69 18.32
N ASN A 238 -0.20 5.09 18.15
CA ASN A 238 -0.71 4.02 19.02
C ASN A 238 -1.03 2.74 18.21
N PRO A 239 -0.15 1.73 18.27
CA PRO A 239 -0.41 0.49 17.51
C PRO A 239 -1.54 -0.38 18.05
N GLU A 240 -1.80 -0.27 19.37
CA GLU A 240 -2.80 -1.05 20.10
C GLU A 240 -4.25 -0.73 19.69
N LYS A 241 -4.46 0.42 19.00
CA LYS A 241 -5.76 0.83 18.50
C LYS A 241 -6.35 -0.29 17.61
N ILE A 242 -5.49 -1.02 16.84
CA ILE A 242 -5.83 -2.14 15.96
C ILE A 242 -6.83 -3.11 16.60
N LYS A 243 -6.67 -3.43 17.89
CA LYS A 243 -7.55 -4.34 18.64
C LYS A 243 -9.00 -3.86 18.65
N GLU A 244 -9.19 -2.52 18.69
CA GLU A 244 -10.46 -1.78 18.67
C GLU A 244 -11.05 -1.76 17.25
N PHE A 245 -10.19 -1.54 16.24
CA PHE A 245 -10.55 -1.54 14.83
C PHE A 245 -11.02 -2.94 14.37
N ILE A 246 -10.48 -4.00 15.01
CA ILE A 246 -10.82 -5.41 14.77
C ILE A 246 -12.12 -5.76 15.53
N LEU A 247 -12.15 -5.50 16.89
CA LEU A 247 -13.25 -5.67 17.86
C LEU A 247 -14.28 -6.76 17.51
S SO4 B . -4.58 -16.95 8.61
O1 SO4 B . -5.11 -17.48 9.87
O2 SO4 B . -3.14 -17.21 8.52
O3 SO4 B . -5.26 -17.50 7.43
O4 SO4 B . -4.82 -15.51 8.60
S SO4 C . -3.04 7.34 7.29
O1 SO4 C . -1.89 7.32 8.14
O2 SO4 C . -4.22 6.68 7.88
O3 SO4 C . -2.71 6.66 6.04
O4 SO4 C . -3.30 8.77 7.08
S SO4 D . -8.23 10.75 16.89
O1 SO4 D . -7.95 9.67 17.84
O2 SO4 D . -7.11 10.83 15.94
O3 SO4 D . -9.47 10.45 16.16
O4 SO4 D . -8.37 12.03 17.59
S SO4 E . 21.56 -1.13 -10.36
O1 SO4 E . 21.82 -2.13 -9.34
O2 SO4 E . 22.78 -0.37 -10.58
O3 SO4 E . 21.10 -1.79 -11.60
O4 SO4 E . 20.52 -0.21 -9.88
O21 6NT F . 2.91 4.84 4.48
NO1 6NT F . 2.26 3.63 3.82
O11 6NT F . 2.78 2.25 4.06
C5 6NT F . 1.26 3.83 2.97
C6 6NT F . 0.64 2.79 2.28
C7 6NT F . -0.36 3.09 1.37
C7A 6NT F . -0.66 4.37 1.11
N1 6NT F . -1.53 4.91 0.26
C3A 6NT F . -0.05 5.38 1.73
C4 6NT F . 0.89 5.14 2.65
N3 6NT F . -0.54 6.53 1.28
N2 6NT F . -1.49 6.23 0.37
#